data_3CIT
#
_entry.id   3CIT
#
_cell.length_a   107.471
_cell.length_b   107.471
_cell.length_c   67.698
_cell.angle_alpha   90.000
_cell.angle_beta   90.000
_cell.angle_gamma   120.000
#
_symmetry.space_group_name_H-M   'P 32 2 1'
#
loop_
_entity.id
_entity.type
_entity.pdbx_description
1 polymer 'Sensor histidine kinase'
2 non-polymer 'SULFATE ION'
3 non-polymer 1,2-ETHANEDIOL
4 non-polymer GLYCEROL
5 non-polymer BETA-MERCAPTOETHANOL
6 water water
#
_entity_poly.entity_id   1
_entity_poly.type   'polypeptide(L)'
_entity_poly.pdbx_seq_one_letter_code
;SNAYRQSQSRAARLRLLVDTGQELIQLPPEA(MSE)RKCVLQRACAFVA(MSE)DHGLLLEWGADNGVQTTARHGSKERL
STLETTADPLAIGPQWLERPGTHLPCVLLLPLRGADEGSFGTLVLANSVAISAPDGEDIESLQLLATLLAAHLENNRLLE
ALVARDRT
;
_entity_poly.pdbx_strand_id   A,B
#
# COMPACT_ATOMS: atom_id res chain seq x y z
N ASN A 2 27.37 -5.36 1.48
CA ASN A 2 27.91 -4.23 2.28
C ASN A 2 26.77 -3.61 3.10
N ALA A 3 26.97 -3.52 4.41
CA ALA A 3 25.93 -3.05 5.32
C ALA A 3 25.49 -1.60 5.02
N TYR A 4 26.48 -0.73 4.83
CA TYR A 4 26.22 0.69 4.58
C TYR A 4 25.39 0.87 3.31
N ARG A 5 25.80 0.18 2.25
CA ARG A 5 25.14 0.31 0.96
C ARG A 5 23.71 -0.24 1.02
N GLN A 6 23.53 -1.38 1.69
CA GLN A 6 22.19 -1.94 1.83
C GLN A 6 21.29 -1.00 2.65
N SER A 7 21.80 -0.44 3.74
CA SER A 7 21.03 0.54 4.54
C SER A 7 20.66 1.75 3.66
N GLN A 8 21.61 2.26 2.88
CA GLN A 8 21.31 3.39 1.98
C GLN A 8 20.32 3.04 0.84
N SER A 9 20.43 1.84 0.30
CA SER A 9 19.44 1.39 -0.67
C SER A 9 18.06 1.25 -0.04
N ARG A 10 18.03 0.77 1.21
CA ARG A 10 16.76 0.62 1.89
C ARG A 10 16.16 2.00 2.18
N ALA A 11 16.97 2.98 2.54
CA ALA A 11 16.47 4.36 2.69
C ALA A 11 15.84 4.87 1.38
N ALA A 12 16.48 4.60 0.24
CA ALA A 12 15.95 5.02 -1.09
C ALA A 12 14.61 4.36 -1.45
N ARG A 13 14.48 3.09 -1.11
CA ARG A 13 13.21 2.33 -1.29
C ARG A 13 12.11 2.91 -0.42
N LEU A 14 12.45 3.20 0.85
CA LEU A 14 11.48 3.84 1.75
C LEU A 14 11.06 5.23 1.27
N ARG A 15 12.01 6.04 0.82
CA ARG A 15 11.67 7.35 0.28
C ARG A 15 10.70 7.24 -0.87
N LEU A 16 10.98 6.31 -1.80
CA LEU A 16 10.13 6.09 -2.99
C LEU A 16 8.69 5.79 -2.54
N LEU A 17 8.57 4.88 -1.61
CA LEU A 17 7.27 4.41 -1.13
C LEU A 17 6.51 5.48 -0.31
N VAL A 18 7.15 6.03 0.72
CA VAL A 18 6.51 7.04 1.56
C VAL A 18 6.20 8.29 0.75
N ASP A 19 7.18 8.79 0.00
CA ASP A 19 6.97 10.03 -0.73
C ASP A 19 5.91 9.87 -1.82
N THR A 20 5.98 8.80 -2.60
CA THR A 20 4.99 8.60 -3.68
C THR A 20 3.62 8.22 -3.12
N GLY A 21 3.59 7.42 -2.08
CA GLY A 21 2.34 7.06 -1.45
C GLY A 21 1.62 8.26 -0.89
N GLN A 22 2.37 9.22 -0.35
CA GLN A 22 1.80 10.47 0.20
C GLN A 22 1.22 11.29 -0.94
N GLU A 23 1.93 11.35 -2.05
CA GLU A 23 1.52 12.17 -3.17
C GLU A 23 0.34 11.64 -3.93
N LEU A 24 0.21 10.32 -4.03
CA LEU A 24 -0.95 9.72 -4.69
C LEU A 24 -2.26 10.22 -4.10
N ILE A 25 -2.28 10.49 -2.80
CA ILE A 25 -3.47 10.95 -2.11
C ILE A 25 -3.89 12.30 -2.71
N GLN A 26 -2.90 13.13 -2.99
CA GLN A 26 -3.10 14.50 -3.50
C GLN A 26 -3.53 14.66 -4.98
N LEU A 27 -3.24 13.66 -5.81
CA LEU A 27 -3.31 13.80 -7.26
C LEU A 27 -4.56 13.19 -7.92
N PRO A 28 -5.00 13.77 -9.06
CA PRO A 28 -6.02 13.14 -9.87
C PRO A 28 -5.47 11.90 -10.59
N PRO A 29 -6.37 10.99 -11.01
CA PRO A 29 -5.97 9.72 -11.62
C PRO A 29 -4.94 9.80 -12.74
N GLU A 30 -5.09 10.70 -13.71
CA GLU A 30 -4.09 10.76 -14.78
C GLU A 30 -2.72 11.11 -14.24
N ALA A 31 -2.70 12.07 -13.30
CA ALA A 31 -1.47 12.48 -12.64
C ALA A 31 -0.89 11.34 -11.80
N ARG A 33 -1.12 8.14 -12.36
CA ARG A 33 -0.56 7.13 -13.26
C ARG A 33 0.81 7.55 -13.81
N LYS A 34 0.90 8.77 -14.30
CA LYS A 34 2.18 9.30 -14.80
C LYS A 34 3.25 9.37 -13.72
N CYS A 35 2.86 9.73 -12.51
CA CYS A 35 3.81 9.87 -11.41
C CYS A 35 4.43 8.52 -11.06
N VAL A 36 3.59 7.52 -10.87
CA VAL A 36 4.07 6.20 -10.50
C VAL A 36 4.88 5.62 -11.63
N LEU A 37 4.42 5.73 -12.88
CA LEU A 37 5.19 5.14 -13.96
C LEU A 37 6.59 5.79 -14.09
N GLN A 38 6.63 7.12 -14.09
CA GLN A 38 7.88 7.84 -14.22
C GLN A 38 8.85 7.51 -13.09
N ARG A 39 8.34 7.52 -11.87
CA ARG A 39 9.20 7.21 -10.72
C ARG A 39 9.70 5.77 -10.69
N ALA A 40 8.82 4.84 -11.08
CA ALA A 40 9.16 3.43 -11.13
C ALA A 40 10.25 3.21 -12.19
N CYS A 41 10.06 3.74 -13.39
CA CYS A 41 11.11 3.64 -14.42
C CYS A 41 12.45 4.21 -13.96
N ALA A 42 12.45 5.40 -13.36
CA ALA A 42 13.67 6.04 -12.90
C ALA A 42 14.36 5.22 -11.83
N PHE A 43 13.55 4.65 -10.94
CA PHE A 43 14.05 3.97 -9.74
C PHE A 43 14.96 2.80 -10.10
N VAL A 44 14.62 2.10 -11.17
CA VAL A 44 15.41 0.94 -11.61
C VAL A 44 16.13 1.16 -12.95
N ALA A 45 16.20 2.42 -13.37
CA ALA A 45 16.92 2.84 -14.57
C ALA A 45 16.42 2.05 -15.79
N ASP A 47 14.22 2.40 -19.23
CA ASP A 47 13.96 3.57 -20.08
C ASP A 47 12.60 3.64 -20.75
N HIS A 48 11.76 2.61 -20.56
CA HIS A 48 10.40 2.60 -21.11
C HIS A 48 9.43 2.03 -20.09
N GLY A 49 8.16 2.38 -20.24
CA GLY A 49 7.14 1.78 -19.42
C GLY A 49 5.77 2.14 -19.89
N LEU A 50 4.82 1.33 -19.49
CA LEU A 50 3.44 1.70 -19.65
C LEU A 50 2.60 1.13 -18.51
N LEU A 51 1.38 1.65 -18.43
CA LEU A 51 0.38 1.13 -17.53
C LEU A 51 -0.81 0.61 -18.36
N LEU A 52 -1.22 -0.62 -18.07
CA LEU A 52 -2.33 -1.27 -18.75
C LEU A 52 -3.44 -1.43 -17.73
N GLU A 53 -4.66 -1.15 -18.13
CA GLU A 53 -5.82 -1.38 -17.28
C GLU A 53 -6.96 -2.00 -18.09
N TRP A 54 -7.73 -2.86 -17.44
CA TRP A 54 -8.85 -3.56 -18.08
C TRP A 54 -10.02 -3.73 -17.10
N GLY A 55 -11.21 -3.95 -17.61
CA GLY A 55 -12.40 -4.16 -16.79
C GLY A 55 -12.98 -5.52 -17.12
N ASN A 58 -13.63 -0.80 -22.15
CA ASN A 58 -13.67 -2.24 -22.42
C ASN A 58 -12.33 -2.76 -22.98
N GLY A 59 -11.97 -3.98 -22.58
CA GLY A 59 -10.71 -4.61 -22.99
C GLY A 59 -9.54 -3.90 -22.36
N VAL A 60 -8.36 -4.10 -22.90
CA VAL A 60 -7.15 -3.51 -22.32
C VAL A 60 -6.97 -2.10 -22.87
N GLN A 61 -6.69 -1.17 -21.97
N GLN A 61 -6.74 -1.16 -21.95
CA GLN A 61 -6.39 0.20 -22.36
CA GLN A 61 -6.38 0.21 -22.27
C GLN A 61 -5.03 0.57 -21.77
C GLN A 61 -4.96 0.47 -21.80
N THR A 62 -4.21 1.27 -22.56
CA THR A 62 -2.93 1.79 -22.13
C THR A 62 -3.18 3.17 -21.54
N THR A 63 -3.00 3.33 -20.25
CA THR A 63 -3.42 4.53 -19.57
C THR A 63 -2.30 5.51 -19.23
N ALA A 64 -1.06 5.10 -19.43
CA ALA A 64 0.13 5.95 -19.23
C ALA A 64 1.29 5.32 -19.98
N ARG A 65 2.21 6.16 -20.45
CA ARG A 65 3.38 5.70 -21.19
C ARG A 65 4.57 6.51 -20.77
N HIS A 66 5.73 5.90 -20.87
CA HIS A 66 6.98 6.56 -20.61
C HIS A 66 7.99 6.02 -21.60
N GLY A 67 8.71 6.90 -22.30
CA GLY A 67 9.66 6.46 -23.31
C GLY A 67 9.02 6.38 -24.69
N SER A 68 9.77 5.93 -25.68
CA SER A 68 9.30 6.05 -27.04
C SER A 68 8.05 5.21 -27.27
N LYS A 69 7.03 5.85 -27.82
CA LYS A 69 5.78 5.17 -28.14
C LYS A 69 6.02 4.08 -29.19
N GLU A 70 7.00 4.31 -30.08
CA GLU A 70 7.37 3.35 -31.12
C GLU A 70 7.78 2.02 -30.49
N ARG A 71 8.73 2.05 -29.55
CA ARG A 71 9.18 0.80 -28.93
C ARG A 71 8.10 0.24 -28.03
N LEU A 72 7.37 1.11 -27.33
CA LEU A 72 6.28 0.63 -26.47
C LEU A 72 5.24 -0.18 -27.26
N SER A 73 5.00 0.19 -28.53
CA SER A 73 3.99 -0.48 -29.38
C SER A 73 4.30 -1.96 -29.60
N THR A 74 5.56 -2.33 -29.46
CA THR A 74 6.02 -3.70 -29.71
C THR A 74 5.65 -4.66 -28.59
N LEU A 75 5.28 -4.14 -27.44
CA LEU A 75 4.84 -4.99 -26.33
C LEU A 75 3.41 -5.49 -26.52
N GLU A 76 3.23 -6.77 -26.23
CA GLU A 76 1.89 -7.35 -26.12
C GLU A 76 1.12 -6.67 -25.01
N THR A 77 -0.17 -6.54 -25.19
CA THR A 77 -0.99 -5.88 -24.20
C THR A 77 -2.17 -6.78 -23.86
N THR A 78 -1.91 -7.91 -23.21
CA THR A 78 -2.98 -8.87 -22.89
C THR A 78 -3.40 -8.68 -21.45
N ALA A 79 -4.70 -8.77 -21.19
CA ALA A 79 -5.19 -8.78 -19.82
C ALA A 79 -4.65 -10.00 -19.09
N ASP A 80 -4.28 -9.80 -17.82
CA ASP A 80 -3.61 -10.83 -17.02
C ASP A 80 -4.27 -10.77 -15.59
N PRO A 81 -5.58 -11.09 -15.50
CA PRO A 81 -6.34 -10.95 -14.25
C PRO A 81 -5.92 -11.93 -13.14
N LEU A 82 -5.26 -13.01 -13.53
CA LEU A 82 -4.87 -14.03 -12.56
C LEU A 82 -3.56 -13.77 -11.87
N ALA A 83 -2.75 -12.86 -12.40
CA ALA A 83 -1.38 -12.68 -11.96
C ALA A 83 -1.26 -12.29 -10.50
N ILE A 84 -0.38 -13.00 -9.80
CA ILE A 84 -0.03 -12.70 -8.43
C ILE A 84 1.48 -12.38 -8.46
N GLY A 85 1.85 -11.18 -8.11
CA GLY A 85 3.27 -10.91 -8.02
C GLY A 85 3.90 -10.69 -9.38
N PRO A 86 5.16 -10.32 -9.35
CA PRO A 86 5.83 -9.84 -10.52
C PRO A 86 6.26 -10.94 -11.48
N GLN A 87 6.76 -10.51 -12.62
CA GLN A 87 7.35 -11.40 -13.61
C GLN A 87 8.46 -10.62 -14.31
N TRP A 88 9.63 -11.23 -14.41
CA TRP A 88 10.74 -10.69 -15.21
C TRP A 88 10.83 -11.45 -16.51
N LEU A 89 10.88 -10.73 -17.62
CA LEU A 89 10.92 -11.35 -18.93
C LEU A 89 12.16 -10.93 -19.71
N GLU A 90 12.80 -11.89 -20.35
CA GLU A 90 13.89 -11.65 -21.30
C GLU A 90 13.32 -11.92 -22.69
N ARG A 91 13.50 -10.99 -23.60
CA ARG A 91 12.97 -11.06 -24.94
C ARG A 91 14.14 -10.74 -25.90
N PRO A 92 15.06 -11.68 -26.03
CA PRO A 92 16.31 -11.40 -26.76
C PRO A 92 16.10 -10.93 -28.21
N GLY A 93 16.86 -9.92 -28.61
CA GLY A 93 16.85 -9.46 -29.99
C GLY A 93 15.75 -8.49 -30.35
N THR A 94 14.86 -8.19 -29.39
CA THR A 94 13.69 -7.34 -29.62
C THR A 94 14.03 -5.91 -29.26
N HIS A 95 13.08 -5.01 -29.51
CA HIS A 95 13.27 -3.59 -29.21
C HIS A 95 13.37 -3.32 -27.69
N LEU A 96 12.77 -4.19 -26.90
CA LEU A 96 12.68 -4.09 -25.43
C LEU A 96 13.01 -5.44 -24.84
N PRO A 97 14.29 -5.77 -24.83
CA PRO A 97 14.70 -7.12 -24.42
C PRO A 97 14.51 -7.52 -22.95
N CYS A 98 14.15 -6.58 -22.09
CA CYS A 98 13.93 -6.84 -20.67
C CYS A 98 12.62 -6.14 -20.31
N VAL A 99 11.74 -6.87 -19.62
CA VAL A 99 10.45 -6.36 -19.17
C VAL A 99 10.15 -6.87 -17.77
N LEU A 100 9.63 -5.98 -16.93
CA LEU A 100 9.16 -6.30 -15.57
C LEU A 100 7.67 -5.97 -15.50
N LEU A 101 6.88 -6.97 -15.11
CA LEU A 101 5.43 -6.81 -14.93
C LEU A 101 5.12 -6.74 -13.45
N LEU A 102 4.31 -5.75 -13.04
CA LEU A 102 3.85 -5.57 -11.67
C LEU A 102 2.32 -5.43 -11.69
N PRO A 103 1.60 -6.46 -11.28
CA PRO A 103 0.17 -6.42 -11.30
C PRO A 103 -0.43 -5.37 -10.38
N LEU A 104 -1.56 -4.84 -10.81
CA LEU A 104 -2.41 -3.99 -9.98
C LEU A 104 -3.59 -4.80 -9.48
N ARG A 105 -3.72 -4.87 -8.17
CA ARG A 105 -4.82 -5.58 -7.54
C ARG A 105 -5.32 -4.76 -6.37
N GLY A 106 -6.63 -4.49 -6.36
CA GLY A 106 -7.26 -3.80 -5.26
C GLY A 106 -8.06 -4.77 -4.42
N ALA A 107 -9.21 -4.27 -3.96
CA ALA A 107 -10.11 -5.01 -3.13
C ALA A 107 -10.98 -5.95 -3.97
N ASP A 108 -11.27 -5.57 -5.21
CA ASP A 108 -12.11 -6.37 -6.09
C ASP A 108 -11.37 -7.65 -6.49
N GLU A 109 -12.11 -8.65 -6.94
N GLU A 109 -12.14 -8.62 -6.98
CA GLU A 109 -11.47 -9.88 -7.37
CA GLU A 109 -11.60 -9.87 -7.51
C GLU A 109 -10.73 -9.66 -8.67
C GLU A 109 -10.71 -9.60 -8.72
N GLY A 110 -9.53 -10.22 -8.74
CA GLY A 110 -8.72 -10.20 -9.92
C GLY A 110 -7.80 -8.99 -10.01
N SER A 111 -6.70 -9.15 -10.72
CA SER A 111 -5.87 -8.00 -11.11
C SER A 111 -6.61 -7.26 -12.23
N PHE A 112 -6.65 -5.93 -12.17
CA PHE A 112 -7.27 -5.09 -13.20
C PHE A 112 -6.27 -4.29 -14.03
N GLY A 113 -4.99 -4.56 -13.87
CA GLY A 113 -4.00 -3.88 -14.68
C GLY A 113 -2.61 -4.35 -14.35
N THR A 114 -1.63 -3.84 -15.08
CA THR A 114 -0.24 -4.16 -14.90
C THR A 114 0.59 -2.94 -15.17
N LEU A 115 1.52 -2.65 -14.26
CA LEU A 115 2.57 -1.71 -14.53
C LEU A 115 3.67 -2.47 -15.27
N VAL A 116 4.06 -1.97 -16.44
CA VAL A 116 4.98 -2.66 -17.32
C VAL A 116 6.19 -1.75 -17.45
N LEU A 117 7.33 -2.19 -16.92
CA LEU A 117 8.58 -1.47 -17.10
C LEU A 117 9.39 -2.26 -18.11
N ALA A 118 10.16 -1.56 -18.94
CA ALA A 118 10.89 -2.22 -20.01
C ALA A 118 12.15 -1.47 -20.30
N ASN A 119 13.16 -2.14 -20.84
CA ASN A 119 14.41 -1.49 -21.14
C ASN A 119 14.86 -1.80 -22.58
N SER A 120 15.47 -0.81 -23.23
CA SER A 120 15.92 -0.95 -24.61
C SER A 120 17.12 -1.85 -24.79
N VAL A 121 17.86 -2.11 -23.72
CA VAL A 121 19.00 -3.01 -23.77
C VAL A 121 18.92 -4.05 -22.63
N ALA A 122 19.51 -5.21 -22.87
CA ALA A 122 19.52 -6.29 -21.87
C ALA A 122 20.26 -5.82 -20.60
N ILE A 123 19.59 -5.97 -19.47
CA ILE A 123 20.19 -5.67 -18.15
C ILE A 123 19.82 -6.84 -17.23
N SER A 124 20.49 -6.96 -16.10
CA SER A 124 20.10 -7.98 -15.10
C SER A 124 18.81 -7.51 -14.44
N ALA A 125 17.96 -8.44 -14.00
CA ALA A 125 16.80 -8.03 -13.24
C ALA A 125 17.24 -7.13 -12.09
N PRO A 126 16.44 -6.11 -11.76
CA PRO A 126 16.75 -5.31 -10.59
C PRO A 126 16.84 -6.14 -9.31
N ASP A 127 17.52 -5.59 -8.33
CA ASP A 127 17.65 -6.25 -7.05
C ASP A 127 16.25 -6.60 -6.53
N GLY A 128 16.13 -7.76 -5.89
CA GLY A 128 14.84 -8.24 -5.43
C GLY A 128 14.07 -7.24 -4.59
N GLU A 129 14.75 -6.49 -3.74
N GLU A 129 14.79 -6.54 -3.70
CA GLU A 129 14.02 -5.57 -2.88
CA GLU A 129 14.19 -5.51 -2.83
C GLU A 129 13.61 -4.26 -3.59
C GLU A 129 13.61 -4.34 -3.63
N ASP A 130 14.29 -3.93 -4.68
CA ASP A 130 13.79 -2.93 -5.62
C ASP A 130 12.50 -3.43 -6.26
N ILE A 131 12.50 -4.67 -6.72
CA ILE A 131 11.31 -5.27 -7.31
C ILE A 131 10.13 -5.30 -6.33
N GLU A 132 10.40 -5.74 -5.10
CA GLU A 132 9.38 -5.75 -4.07
C GLU A 132 8.80 -4.36 -3.75
N SER A 133 9.66 -3.34 -3.74
CA SER A 133 9.23 -1.97 -3.52
C SER A 133 8.36 -1.48 -4.69
N LEU A 134 8.77 -1.75 -5.93
CA LEU A 134 7.96 -1.40 -7.09
C LEU A 134 6.62 -2.13 -7.08
N GLN A 135 6.60 -3.40 -6.70
CA GLN A 135 5.35 -4.13 -6.55
C GLN A 135 4.42 -3.46 -5.53
N LEU A 136 4.95 -3.06 -4.39
CA LEU A 136 4.13 -2.31 -3.43
C LEU A 136 3.65 -0.96 -4.00
N LEU A 137 4.52 -0.24 -4.69
CA LEU A 137 4.09 1.02 -5.33
C LEU A 137 2.88 0.78 -6.29
N ALA A 138 2.94 -0.31 -7.05
CA ALA A 138 1.80 -0.71 -7.92
C ALA A 138 0.54 -1.00 -7.11
N THR A 139 0.70 -1.65 -5.98
CA THR A 139 -0.38 -1.95 -5.08
C THR A 139 -1.01 -0.68 -4.51
N LEU A 140 -0.18 0.29 -4.14
CA LEU A 140 -0.67 1.58 -3.66
C LEU A 140 -1.46 2.32 -4.75
N LEU A 141 -0.85 2.40 -5.93
CA LEU A 141 -1.54 2.93 -7.11
C LEU A 141 -2.91 2.24 -7.36
N ALA A 142 -2.91 0.92 -7.37
CA ALA A 142 -4.13 0.15 -7.59
C ALA A 142 -5.24 0.54 -6.64
N ALA A 143 -4.93 0.66 -5.34
CA ALA A 143 -5.96 0.94 -4.36
C ALA A 143 -6.65 2.25 -4.65
N HIS A 144 -5.85 3.23 -5.04
CA HIS A 144 -6.32 4.57 -5.32
C HIS A 144 -7.07 4.67 -6.65
N LEU A 145 -6.59 3.98 -7.68
CA LEU A 145 -7.28 3.92 -8.96
C LEU A 145 -8.62 3.21 -8.83
N GLU A 146 -8.63 2.14 -8.05
CA GLU A 146 -9.87 1.39 -7.81
C GLU A 146 -10.88 2.23 -7.03
N ASN A 147 -10.42 2.92 -5.99
CA ASN A 147 -11.27 3.85 -5.28
C ASN A 147 -11.96 4.82 -6.25
N ASN A 148 -11.18 5.51 -7.07
CA ASN A 148 -11.73 6.45 -8.07
C ASN A 148 -12.75 5.82 -9.00
N ARG A 149 -12.41 4.67 -9.57
CA ARG A 149 -13.32 3.92 -10.43
C ARG A 149 -14.65 3.63 -9.73
N LEU A 150 -14.58 3.12 -8.50
CA LEU A 150 -15.76 2.71 -7.76
C LEU A 150 -16.67 3.89 -7.40
N LEU A 151 -16.07 4.99 -6.95
CA LEU A 151 -16.83 6.23 -6.67
C LEU A 151 -17.49 6.79 -7.92
N GLU A 152 -16.76 6.78 -9.03
CA GLU A 152 -17.34 7.16 -10.34
C GLU A 152 -18.49 6.24 -10.75
N ALA A 153 -18.31 4.94 -10.55
CA ALA A 153 -19.35 3.96 -10.86
C ALA A 153 -20.61 4.16 -10.01
N LEU A 154 -20.41 4.61 -8.78
CA LEU A 154 -21.50 4.82 -7.84
C LEU A 154 -22.24 6.13 -8.11
N VAL A 155 -21.54 7.14 -8.62
CA VAL A 155 -22.19 8.39 -9.03
C VAL A 155 -22.94 8.19 -10.36
N ALA A 156 -22.37 7.35 -11.23
CA ALA A 156 -23.05 6.93 -12.47
C ALA A 156 -24.36 6.19 -12.21
N ARG A 157 -24.45 5.55 -11.04
CA ARG A 157 -25.61 4.76 -10.63
CA ARG A 157 -25.62 4.76 -10.65
C ARG A 157 -26.82 5.63 -10.23
N ASP A 158 -26.68 6.96 -10.39
CA ASP A 158 -27.81 7.88 -10.19
C ASP A 158 -27.59 9.20 -10.93
N ASN B 2 23.82 5.86 15.43
CA ASN B 2 24.32 4.46 15.22
C ASN B 2 23.82 3.86 13.89
N ALA B 3 24.74 3.61 12.96
CA ALA B 3 24.37 3.11 11.63
C ALA B 3 23.75 1.70 11.67
N TYR B 4 24.17 0.85 12.60
CA TYR B 4 23.57 -0.49 12.70
C TYR B 4 22.10 -0.42 13.13
N ARG B 5 21.78 0.43 14.10
CA ARG B 5 20.41 0.54 14.58
C ARG B 5 19.53 1.17 13.49
N GLN B 6 20.09 2.15 12.78
CA GLN B 6 19.44 2.75 11.58
C GLN B 6 19.25 1.72 10.48
N SER B 7 20.30 0.91 10.29
CA SER B 7 20.25 -0.16 9.33
C SER B 7 19.10 -1.10 9.65
N GLN B 8 19.00 -1.49 10.93
CA GLN B 8 17.95 -2.37 11.42
C GLN B 8 16.59 -1.72 11.23
N SER B 9 16.52 -0.44 11.60
N SER B 9 16.50 -0.45 11.59
CA SER B 9 15.31 0.34 11.53
CA SER B 9 15.24 0.28 11.54
C SER B 9 14.72 0.38 10.12
C SER B 9 14.69 0.42 10.11
N ARG B 10 15.58 0.76 9.17
CA ARG B 10 15.17 0.86 7.76
C ARG B 10 14.67 -0.49 7.24
N ALA B 11 15.38 -1.56 7.56
CA ALA B 11 14.97 -2.90 7.07
C ALA B 11 13.63 -3.34 7.62
N ALA B 12 13.41 -3.10 8.92
CA ALA B 12 12.17 -3.50 9.56
C ALA B 12 10.98 -2.77 8.96
N ARG B 13 11.16 -1.48 8.71
CA ARG B 13 10.12 -0.67 8.09
CA ARG B 13 10.11 -0.68 8.10
C ARG B 13 9.80 -1.16 6.68
N LEU B 14 10.83 -1.42 5.89
CA LEU B 14 10.62 -1.84 4.51
C LEU B 14 9.93 -3.19 4.45
N ARG B 15 10.39 -4.14 5.28
CA ARG B 15 9.77 -5.46 5.33
C ARG B 15 8.32 -5.35 5.75
N LEU B 16 8.01 -4.54 6.77
CA LEU B 16 6.63 -4.33 7.18
C LEU B 16 5.73 -3.93 6.00
N LEU B 17 6.18 -2.94 5.24
CA LEU B 17 5.39 -2.40 4.15
C LEU B 17 5.19 -3.45 3.05
N VAL B 18 6.28 -4.05 2.60
CA VAL B 18 6.20 -5.00 1.47
C VAL B 18 5.46 -6.27 1.88
N ASP B 19 5.78 -6.80 3.06
CA ASP B 19 5.17 -8.02 3.53
C ASP B 19 3.67 -7.84 3.79
N THR B 20 3.31 -6.77 4.48
CA THR B 20 1.88 -6.52 4.80
C THR B 20 1.10 -6.24 3.53
N GLY B 21 1.66 -5.45 2.63
CA GLY B 21 0.99 -5.14 1.37
C GLY B 21 0.68 -6.34 0.47
N GLN B 22 1.61 -7.26 0.33
CA GLN B 22 1.42 -8.41 -0.54
C GLN B 22 0.38 -9.38 0.03
N GLU B 23 0.29 -9.45 1.34
CA GLU B 23 -0.65 -10.32 2.04
C GLU B 23 -2.07 -9.71 2.03
N LEU B 24 -2.12 -8.42 2.33
CA LEU B 24 -3.37 -7.67 2.44
C LEU B 24 -4.26 -7.81 1.20
N ILE B 25 -3.65 -7.67 0.02
CA ILE B 25 -4.38 -7.73 -1.21
C ILE B 25 -4.87 -9.12 -1.62
N GLN B 26 -4.45 -10.17 -0.90
N GLN B 26 -4.48 -10.15 -0.87
CA GLN B 26 -4.87 -11.54 -1.19
CA GLN B 26 -4.84 -11.52 -1.17
C GLN B 26 -5.97 -12.04 -0.25
C GLN B 26 -5.75 -12.15 -0.12
N LEU B 27 -6.21 -11.36 0.87
CA LEU B 27 -7.09 -11.87 1.90
C LEU B 27 -8.52 -11.31 1.80
N PRO B 28 -9.53 -12.13 2.20
CA PRO B 28 -10.90 -11.63 2.28
C PRO B 28 -11.04 -10.61 3.39
N PRO B 29 -12.10 -9.77 3.37
CA PRO B 29 -12.14 -8.59 4.27
C PRO B 29 -11.87 -8.84 5.76
N GLU B 30 -12.52 -9.84 6.34
CA GLU B 30 -12.35 -10.08 7.79
C GLU B 30 -10.90 -10.44 8.14
N ALA B 31 -10.38 -11.42 7.41
CA ALA B 31 -8.96 -11.83 7.54
C ALA B 31 -8.03 -10.67 7.32
N ARG B 33 -8.40 -7.45 7.78
N ARG B 33 -8.47 -7.43 7.75
CA ARG B 33 -8.38 -6.48 8.88
CA ARG B 33 -8.47 -6.51 8.90
C ARG B 33 -7.63 -7.04 10.08
C ARG B 33 -7.60 -7.05 10.03
N LYS B 34 -7.85 -8.31 10.40
CA LYS B 34 -7.13 -9.01 11.47
C LYS B 34 -5.62 -9.04 11.21
N CYS B 35 -5.26 -9.34 9.97
CA CYS B 35 -3.86 -9.57 9.65
C CYS B 35 -3.10 -8.26 9.57
N VAL B 36 -3.69 -7.20 9.02
CA VAL B 36 -3.01 -5.90 9.04
C VAL B 36 -2.80 -5.42 10.48
N LEU B 37 -3.82 -5.60 11.32
CA LEU B 37 -3.71 -5.20 12.73
C LEU B 37 -2.58 -5.97 13.43
N GLN B 38 -2.53 -7.28 13.22
CA GLN B 38 -1.52 -8.12 13.87
C GLN B 38 -0.13 -7.72 13.45
N ARG B 39 0.03 -7.48 12.17
CA ARG B 39 1.34 -7.06 11.65
C ARG B 39 1.75 -5.68 12.14
N ALA B 40 0.80 -4.76 12.23
CA ALA B 40 1.06 -3.42 12.77
C ALA B 40 1.53 -3.50 14.22
N CYS B 41 0.78 -4.25 15.03
CA CYS B 41 1.12 -4.48 16.44
C CYS B 41 2.51 -5.08 16.59
N ALA B 42 2.80 -6.11 15.80
CA ALA B 42 4.08 -6.79 15.91
C ALA B 42 5.23 -5.86 15.54
N PHE B 43 4.98 -4.98 14.60
CA PHE B 43 6.03 -4.04 14.15
C PHE B 43 6.53 -3.12 15.28
N VAL B 44 5.62 -2.69 16.16
CA VAL B 44 5.98 -1.82 17.27
C VAL B 44 6.04 -2.58 18.59
N ALA B 45 5.98 -3.91 18.50
CA ALA B 45 6.04 -4.78 19.69
C ALA B 45 5.01 -4.35 20.74
N ASP B 47 1.28 -5.28 22.44
CA ASP B 47 0.60 -6.57 22.63
C ASP B 47 -0.93 -6.58 22.50
N HIS B 48 -1.53 -5.42 22.22
CA HIS B 48 -2.96 -5.30 22.01
C HIS B 48 -3.24 -4.40 20.84
N GLY B 49 -4.40 -4.57 20.26
CA GLY B 49 -4.86 -3.64 19.25
C GLY B 49 -6.31 -3.79 18.90
N LEU B 50 -6.82 -2.75 18.26
CA LEU B 50 -8.15 -2.69 17.73
C LEU B 50 -8.16 -2.00 16.39
N LEU B 51 -9.07 -2.43 15.51
CA LEU B 51 -9.48 -1.63 14.36
C LEU B 51 -10.93 -1.20 14.62
N LEU B 52 -11.15 0.13 14.64
CA LEU B 52 -12.45 0.70 14.89
C LEU B 52 -12.90 1.38 13.61
N GLU B 53 -14.18 1.24 13.29
CA GLU B 53 -14.75 1.83 12.10
C GLU B 53 -16.13 2.39 12.47
N TRP B 54 -16.50 3.50 11.85
CA TRP B 54 -17.82 4.10 12.10
C TRP B 54 -18.37 4.77 10.87
N GLY B 55 -19.65 5.11 10.91
CA GLY B 55 -20.30 5.84 9.81
C GLY B 55 -20.68 4.90 8.68
N ALA B 56 -21.46 3.86 9.01
CA ALA B 56 -21.93 2.89 8.02
C ALA B 56 -23.23 2.26 8.49
N ASN B 58 -20.77 7.37 12.48
CA ASN B 58 -21.55 7.61 13.68
C ASN B 58 -21.16 6.60 14.77
N GLY B 59 -21.77 5.39 14.71
CA GLY B 59 -21.61 4.36 15.75
C GLY B 59 -20.38 3.48 15.53
N VAL B 60 -19.54 3.40 16.56
CA VAL B 60 -18.23 2.76 16.45
C VAL B 60 -18.34 1.25 16.58
N GLN B 61 -17.76 0.53 15.61
CA GLN B 61 -17.77 -0.93 15.57
C GLN B 61 -16.31 -1.42 15.63
N THR B 62 -16.05 -2.48 16.38
CA THR B 62 -14.71 -3.10 16.44
C THR B 62 -14.67 -4.18 15.38
N THR B 63 -13.81 -4.02 14.40
CA THR B 63 -13.83 -4.91 13.24
C THR B 63 -12.62 -5.84 13.18
N ALA B 64 -11.67 -5.64 14.10
CA ALA B 64 -10.55 -6.53 14.36
C ALA B 64 -10.04 -6.23 15.77
N ARG B 65 -9.49 -7.24 16.41
CA ARG B 65 -8.96 -7.14 17.78
C ARG B 65 -7.71 -8.02 17.91
N HIS B 66 -6.73 -7.55 18.66
CA HIS B 66 -5.55 -8.32 19.00
C HIS B 66 -5.33 -8.22 20.49
N GLY B 67 -5.18 -9.35 21.16
CA GLY B 67 -4.92 -9.37 22.59
C GLY B 67 -6.18 -9.37 23.42
N SER B 68 -6.01 -9.31 24.74
CA SER B 68 -7.12 -9.41 25.70
C SER B 68 -8.31 -8.45 25.49
N LYS B 69 -9.50 -9.00 25.22
CA LYS B 69 -10.71 -8.17 25.08
C LYS B 69 -11.06 -7.45 26.38
N GLU B 70 -10.81 -8.08 27.54
CA GLU B 70 -11.03 -7.39 28.83
C GLU B 70 -10.15 -6.13 28.96
N ARG B 71 -8.84 -6.29 28.76
CA ARG B 71 -7.95 -5.14 28.87
C ARG B 71 -8.33 -4.07 27.85
N LEU B 72 -8.69 -4.48 26.64
CA LEU B 72 -9.04 -3.51 25.60
C LEU B 72 -10.36 -2.79 25.86
N SER B 73 -11.23 -3.41 26.66
CA SER B 73 -12.49 -2.77 27.05
C SER B 73 -12.18 -1.60 27.98
N THR B 74 -11.09 -1.71 28.75
CA THR B 74 -10.67 -0.63 29.65
C THR B 74 -10.41 0.68 28.92
N LEU B 75 -10.11 0.60 27.62
CA LEU B 75 -10.12 1.77 26.76
C LEU B 75 -11.58 2.18 26.52
N ALA B 79 -12.35 7.13 20.06
CA ALA B 79 -12.92 7.24 18.71
C ALA B 79 -13.25 8.70 18.33
N ASP B 80 -12.29 9.40 17.71
CA ASP B 80 -12.52 10.77 17.22
C ASP B 80 -12.71 10.85 15.67
N PRO B 81 -13.94 11.07 15.19
CA PRO B 81 -14.11 11.11 13.75
C PRO B 81 -13.55 12.39 13.05
N LEU B 82 -13.18 13.39 13.85
CA LEU B 82 -12.57 14.61 13.35
C LEU B 82 -11.03 14.54 13.28
N ALA B 83 -10.44 13.51 13.89
CA ALA B 83 -8.99 13.35 13.92
C ALA B 83 -8.44 12.96 12.56
N ILE B 84 -7.29 13.52 12.21
CA ILE B 84 -6.55 13.04 11.04
C ILE B 84 -5.11 12.65 11.33
N GLY B 85 -4.51 13.18 12.40
CA GLY B 85 -3.09 12.89 12.68
C GLY B 85 -2.89 11.76 13.68
N PRO B 86 -1.66 11.19 13.73
CA PRO B 86 -1.34 10.14 14.70
C PRO B 86 -1.24 10.75 16.07
N GLN B 87 -1.47 9.92 17.09
CA GLN B 87 -1.36 10.41 18.44
C GLN B 87 -0.84 9.29 19.34
N TRP B 88 0.13 9.64 20.17
CA TRP B 88 0.69 8.73 21.16
C TRP B 88 0.15 9.16 22.50
N LEU B 89 -0.50 8.26 23.20
CA LEU B 89 -1.08 8.53 24.50
C LEU B 89 -0.34 7.73 25.57
N GLU B 90 0.11 8.40 26.62
CA GLU B 90 0.53 7.73 27.82
C GLU B 90 -0.65 7.76 28.77
N ARG B 91 -0.88 6.66 29.46
CA ARG B 91 -2.00 6.55 30.38
C ARG B 91 -1.50 5.88 31.66
N PRO B 92 -0.77 6.65 32.49
CA PRO B 92 -0.12 6.09 33.67
C PRO B 92 -1.08 5.41 34.63
N GLY B 93 -0.64 4.30 35.19
CA GLY B 93 -1.41 3.61 36.20
C GLY B 93 -2.60 2.82 35.69
N THR B 94 -2.73 2.64 34.37
CA THR B 94 -3.85 1.90 33.76
C THR B 94 -3.38 0.54 33.24
N HIS B 95 -4.31 -0.26 32.72
CA HIS B 95 -4.01 -1.59 32.20
C HIS B 95 -3.30 -1.56 30.86
N LEU B 96 -3.49 -0.47 30.12
CA LEU B 96 -2.86 -0.26 28.82
C LEU B 96 -2.18 1.11 28.83
N PRO B 97 -0.99 1.18 29.44
CA PRO B 97 -0.31 2.44 29.67
C PRO B 97 0.11 3.25 28.47
N CYS B 98 0.25 2.61 27.30
CA CYS B 98 0.65 3.33 26.09
C CYS B 98 -0.21 2.91 24.91
N VAL B 99 -0.61 3.90 24.13
CA VAL B 99 -1.54 3.71 23.01
C VAL B 99 -1.09 4.61 21.84
N LEU B 100 -1.05 4.02 20.66
CA LEU B 100 -0.88 4.74 19.39
C LEU B 100 -2.16 4.69 18.57
N LEU B 101 -2.61 5.87 18.15
CA LEU B 101 -3.82 6.01 17.34
C LEU B 101 -3.39 6.42 15.94
N LEU B 102 -3.90 5.73 14.95
CA LEU B 102 -3.62 5.99 13.52
C LEU B 102 -4.97 6.10 12.79
N PRO B 103 -5.46 7.32 12.59
CA PRO B 103 -6.71 7.58 11.88
C PRO B 103 -6.71 7.04 10.48
N LEU B 104 -7.88 6.52 10.07
CA LEU B 104 -8.09 6.02 8.74
C LEU B 104 -8.95 7.05 7.99
N ARG B 105 -8.37 7.63 6.95
CA ARG B 105 -8.96 8.79 6.26
C ARG B 105 -9.51 8.35 4.92
N GLY B 106 -10.73 8.77 4.60
CA GLY B 106 -11.34 8.40 3.33
C GLY B 106 -11.93 9.59 2.61
N ALA B 107 -13.13 9.39 2.04
CA ALA B 107 -13.76 10.37 1.13
C ALA B 107 -14.18 11.68 1.81
N ASP B 108 -14.40 11.66 3.12
CA ASP B 108 -14.89 12.83 3.83
C ASP B 108 -13.79 13.43 4.70
N GLU B 109 -14.04 14.63 5.23
CA GLU B 109 -13.14 15.26 6.21
C GLU B 109 -12.94 14.32 7.41
N GLY B 110 -11.83 14.47 8.13
CA GLY B 110 -11.58 13.68 9.34
C GLY B 110 -11.25 12.23 9.00
N SER B 111 -11.78 11.30 9.78
CA SER B 111 -11.52 9.87 9.60
C SER B 111 -12.81 9.05 9.69
N PHE B 112 -12.84 7.86 9.08
CA PHE B 112 -13.96 6.92 9.25
C PHE B 112 -13.62 5.72 10.14
N GLY B 113 -12.41 5.73 10.70
CA GLY B 113 -11.99 4.66 11.58
C GLY B 113 -10.61 4.96 12.11
N THR B 114 -10.10 4.06 12.94
CA THR B 114 -8.80 4.25 13.52
C THR B 114 -8.22 2.91 13.88
N LEU B 115 -6.93 2.80 13.61
CA LEU B 115 -6.13 1.69 14.13
C LEU B 115 -5.66 2.09 15.51
N VAL B 116 -5.82 1.20 16.47
CA VAL B 116 -5.42 1.47 17.84
C VAL B 116 -4.41 0.39 18.22
N LEU B 117 -3.18 0.79 18.50
CA LEU B 117 -2.15 -0.12 18.92
C LEU B 117 -1.90 0.17 20.40
N ALA B 118 -1.92 -0.83 21.26
CA ALA B 118 -1.85 -0.56 22.69
C ALA B 118 -0.94 -1.56 23.36
N ASN B 119 -0.33 -1.15 24.48
CA ASN B 119 0.64 -2.01 25.18
C ASN B 119 0.36 -2.06 26.66
N SER B 120 0.58 -3.25 27.24
CA SER B 120 0.33 -3.51 28.65
C SER B 120 1.41 -3.01 29.60
N VAL B 121 2.53 -2.60 29.04
CA VAL B 121 3.68 -2.07 29.77
C VAL B 121 4.03 -0.70 29.19
N ALA B 122 4.40 0.26 30.04
CA ALA B 122 4.91 1.53 29.50
C ALA B 122 6.14 1.27 28.60
N ILE B 123 6.17 1.95 27.45
CA ILE B 123 7.25 1.85 26.49
C ILE B 123 7.46 3.17 25.82
N SER B 124 8.56 3.27 25.09
CA SER B 124 8.86 4.44 24.29
C SER B 124 7.88 4.54 23.11
N ALA B 125 7.49 5.75 22.73
CA ALA B 125 6.78 6.00 21.49
C ALA B 125 7.63 5.49 20.31
N PRO B 126 7.00 4.92 19.26
CA PRO B 126 7.77 4.60 18.05
C PRO B 126 8.35 5.88 17.48
N ASP B 127 9.47 5.80 16.78
CA ASP B 127 10.04 7.03 16.28
C ASP B 127 9.29 7.56 15.09
N GLY B 128 9.62 8.77 14.67
CA GLY B 128 8.85 9.47 13.64
C GLY B 128 8.79 8.67 12.35
N GLU B 129 9.90 8.02 12.02
CA GLU B 129 9.99 7.30 10.78
C GLU B 129 9.13 6.01 10.80
N ASP B 130 9.05 5.37 11.96
CA ASP B 130 8.19 4.23 12.14
C ASP B 130 6.73 4.62 12.03
N ILE B 131 6.37 5.74 12.61
CA ILE B 131 5.00 6.26 12.47
C ILE B 131 4.65 6.57 11.02
N GLU B 132 5.57 7.17 10.28
CA GLU B 132 5.38 7.50 8.86
C GLU B 132 5.12 6.24 8.03
N SER B 133 5.86 5.17 8.28
CA SER B 133 5.61 3.88 7.61
C SER B 133 4.25 3.29 7.99
N LEU B 134 3.90 3.32 9.27
CA LEU B 134 2.60 2.84 9.71
C LEU B 134 1.48 3.68 9.09
N GLN B 135 1.70 4.98 8.95
CA GLN B 135 0.72 5.86 8.26
C GLN B 135 0.53 5.46 6.78
N LEU B 136 1.61 5.15 6.08
CA LEU B 136 1.50 4.65 4.70
C LEU B 136 0.65 3.39 4.66
N LEU B 137 0.94 2.43 5.54
CA LEU B 137 0.14 1.23 5.63
C LEU B 137 -1.32 1.49 5.97
N ALA B 138 -1.53 2.42 6.89
CA ALA B 138 -2.89 2.83 7.21
C ALA B 138 -3.60 3.41 5.99
N THR B 139 -2.90 4.08 5.10
CA THR B 139 -3.55 4.61 3.90
C THR B 139 -4.02 3.52 2.97
N LEU B 140 -3.21 2.47 2.87
CA LEU B 140 -3.57 1.32 2.02
C LEU B 140 -4.75 0.57 2.60
N LEU B 141 -4.71 0.29 3.90
CA LEU B 141 -5.83 -0.32 4.59
C LEU B 141 -7.10 0.50 4.42
N ALA B 142 -7.02 1.80 4.70
CA ALA B 142 -8.18 2.71 4.54
C ALA B 142 -8.81 2.61 3.14
N ALA B 143 -7.97 2.59 2.11
CA ALA B 143 -8.45 2.51 0.74
C ALA B 143 -9.21 1.18 0.54
N HIS B 144 -8.65 0.09 1.05
CA HIS B 144 -9.31 -1.21 0.90
C HIS B 144 -10.60 -1.31 1.70
N LEU B 145 -10.62 -0.74 2.90
CA LEU B 145 -11.87 -0.69 3.69
C LEU B 145 -12.93 0.07 2.92
N GLU B 146 -12.59 1.24 2.42
CA GLU B 146 -13.53 2.05 1.64
C GLU B 146 -13.97 1.35 0.35
N ASN B 147 -13.01 0.76 -0.35
CA ASN B 147 -13.31 0.09 -1.62
C ASN B 147 -14.24 -1.10 -1.43
N ASN B 148 -14.03 -1.83 -0.33
CA ASN B 148 -14.89 -2.97 0.01
C ASN B 148 -16.33 -2.50 0.28
N ARG B 149 -16.45 -1.35 0.92
CA ARG B 149 -17.76 -0.75 1.18
CA ARG B 149 -17.75 -0.74 1.18
C ARG B 149 -18.42 -0.28 -0.12
N LEU B 150 -17.64 0.31 -1.02
CA LEU B 150 -18.18 0.75 -2.31
C LEU B 150 -18.61 -0.43 -3.18
N LEU B 151 -17.80 -1.48 -3.19
CA LEU B 151 -18.13 -2.74 -3.85
C LEU B 151 -19.50 -3.26 -3.36
N GLU B 152 -19.69 -3.36 -2.05
CA GLU B 152 -20.97 -3.79 -1.46
C GLU B 152 -22.13 -2.84 -1.82
N ALA B 153 -21.87 -1.54 -1.84
CA ALA B 153 -22.89 -0.56 -2.26
C ALA B 153 -23.33 -0.77 -3.72
N LEU B 154 -22.40 -1.16 -4.58
CA LEU B 154 -22.72 -1.40 -5.99
C LEU B 154 -23.45 -2.73 -6.21
N VAL B 155 -23.27 -3.68 -5.30
CA VAL B 155 -23.86 -5.02 -5.43
C VAL B 155 -25.37 -5.00 -5.16
#